data_2FUE
#
_entry.id   2FUE
#
_cell.length_a   51.390
_cell.length_b   51.390
_cell.length_c   214.603
_cell.angle_alpha   90.00
_cell.angle_beta   90.00
_cell.angle_gamma   90.00
#
_symmetry.space_group_name_H-M   'P 43 21 2'
#
loop_
_entity.id
_entity.type
_entity.pdbx_description
1 polymer 'Phosphomannomutase 1'
2 non-polymer 1-O-phosphono-alpha-D-mannopyranose
3 non-polymer 'MAGNESIUM ION'
4 water water
#
_entity_poly.entity_id   1
_entity_poly.type   'polypeptide(L)'
_entity_poly.pdbx_seq_one_letter_code
;(MSE)AVTAQAARRKERVLCLFDVDGTLTPARQKIDPEVAAFLQKLRSRVQIGVVGGSDYCKIAEQLGDGDEVIEKFDYV
FAENGTVQYKHGRLLSKQTIQNHLGEELLQDLINFCLSY(MSE)ALLRLPKKRGTFIEFRNG(MSE)LNISPIGRSCTLE
ERIEFSELDKKEKIREKFVEALKTEFAGKGLRFSRGG(MSE)ISFDVFPEGWDKRYCLDSLDQDSFDTIHFFGNETSPGG
NDFEIFADPRTVGHSVVSPQDTVQRCREIFFPETAHEA
;
_entity_poly.pdbx_strand_id   A
#
loop_
_chem_comp.id
_chem_comp.type
_chem_comp.name
_chem_comp.formula
M1P D-saccharide 1-O-phosphono-alpha-D-mannopyranose 'C6 H13 O9 P'
MG non-polymer 'MAGNESIUM ION' 'Mg 2'
#
# COMPACT_ATOMS: atom_id res chain seq x y z
N ARG A 13 -20.97 -7.62 14.62
CA ARG A 13 -19.51 -7.38 14.55
C ARG A 13 -19.13 -6.92 13.14
N VAL A 14 -18.86 -5.63 13.01
CA VAL A 14 -18.57 -5.04 11.72
C VAL A 14 -17.21 -4.37 11.77
N LEU A 15 -16.45 -4.52 10.68
CA LEU A 15 -15.18 -3.80 10.49
C LEU A 15 -15.34 -2.86 9.31
N CYS A 16 -14.96 -1.60 9.49
CA CYS A 16 -14.73 -0.71 8.35
C CYS A 16 -13.23 -0.63 8.13
N LEU A 17 -12.81 -0.97 6.91
CA LEU A 17 -11.42 -1.04 6.53
C LEU A 17 -11.16 -0.05 5.42
N PHE A 18 -10.21 0.85 5.65
CA PHE A 18 -9.98 1.98 4.76
C PHE A 18 -8.59 1.97 4.14
N ASP A 19 -8.54 2.13 2.82
CA ASP A 19 -7.32 2.65 2.18
C ASP A 19 -6.98 4.00 2.84
N VAL A 20 -5.72 4.41 2.77
CA VAL A 20 -5.33 5.69 3.38
C VAL A 20 -5.31 6.83 2.37
N ASP A 21 -4.42 6.74 1.39
CA ASP A 21 -4.18 7.87 0.48
C ASP A 21 -5.38 8.15 -0.44
N GLY A 22 -5.97 9.34 -0.29
CA GLY A 22 -7.12 9.73 -1.11
C GLY A 22 -8.46 9.20 -0.63
N THR A 23 -8.43 8.37 0.41
CA THR A 23 -9.61 7.76 0.99
C THR A 23 -9.85 8.36 2.37
N LEU A 24 -8.81 8.48 3.19
CA LEU A 24 -8.91 9.14 4.51
C LEU A 24 -8.12 10.44 4.57
N THR A 25 -7.04 10.53 3.78
CA THR A 25 -6.17 11.70 3.79
C THR A 25 -5.92 12.16 2.35
N PRO A 26 -5.52 13.42 2.18
CA PRO A 26 -4.89 13.80 0.92
C PRO A 26 -3.66 12.93 0.71
N ALA A 27 -3.35 12.60 -0.54
CA ALA A 27 -2.30 11.63 -0.82
C ALA A 27 -1.00 11.96 -0.10
N ARG A 28 -0.56 11.05 0.76
CA ARG A 28 0.72 11.13 1.48
C ARG A 28 0.80 12.25 2.53
N GLN A 29 -0.35 12.79 2.93
CA GLN A 29 -0.41 13.91 3.88
C GLN A 29 -1.19 13.55 5.13
N LYS A 30 -1.10 14.44 6.11
CA LYS A 30 -1.84 14.30 7.36
C LYS A 30 -3.35 14.33 7.14
N ILE A 31 -4.05 13.53 7.93
CA ILE A 31 -5.51 13.49 7.96
C ILE A 31 -6.10 14.79 8.49
N ASP A 32 -7.28 15.15 8.01
CA ASP A 32 -8.01 16.34 8.44
C ASP A 32 -8.62 16.02 9.81
N PRO A 33 -8.39 16.87 10.82
CA PRO A 33 -8.96 16.61 12.15
C PRO A 33 -10.45 16.26 12.15
N GLU A 34 -11.23 16.86 11.25
CA GLU A 34 -12.67 16.57 11.14
C GLU A 34 -12.92 15.13 10.72
N VAL A 35 -12.15 14.67 9.74
CA VAL A 35 -12.23 13.27 9.32
C VAL A 35 -11.77 12.37 10.46
N ALA A 36 -10.67 12.71 11.13
CA ALA A 36 -10.19 11.92 12.26
C ALA A 36 -11.26 11.79 13.35
N ALA A 37 -11.91 12.91 13.67
CA ALA A 37 -12.96 12.93 14.68
C ALA A 37 -14.13 12.03 14.29
N PHE A 38 -14.51 12.06 13.02
CA PHE A 38 -15.61 11.21 12.57
C PHE A 38 -15.28 9.72 12.71
N LEU A 39 -14.05 9.35 12.39
CA LEU A 39 -13.63 7.96 12.48
C LEU A 39 -13.76 7.42 13.88
N GLN A 40 -13.45 8.25 14.88
CA GLN A 40 -13.59 7.83 16.26
C GLN A 40 -15.06 7.69 16.65
N LYS A 41 -15.91 8.56 16.11
CA LYS A 41 -17.38 8.46 16.29
C LYS A 41 -17.92 7.17 15.67
N LEU A 42 -17.52 6.89 14.43
CA LEU A 42 -17.85 5.63 13.75
C LEU A 42 -17.47 4.41 14.59
N ARG A 43 -16.36 4.56 15.32
CA ARG A 43 -15.80 3.50 16.16
C ARG A 43 -16.72 3.07 17.32
N SER A 44 -17.73 3.89 17.61
CA SER A 44 -18.74 3.54 18.62
C SER A 44 -19.73 2.49 18.11
N ARG A 45 -19.72 2.23 16.81
CA ARG A 45 -20.61 1.25 16.21
C ARG A 45 -19.90 0.08 15.55
N VAL A 46 -18.70 0.33 15.03
CA VAL A 46 -17.92 -0.67 14.33
C VAL A 46 -16.46 -0.58 14.72
N GLN A 47 -15.71 -1.65 14.43
CA GLN A 47 -14.25 -1.57 14.51
C GLN A 47 -13.76 -0.88 13.24
N ILE A 48 -12.62 -0.18 13.34
CA ILE A 48 -12.07 0.52 12.19
C ILE A 48 -10.63 0.12 11.97
N GLY A 49 -10.23 0.05 10.71
CA GLY A 49 -8.88 -0.33 10.34
C GLY A 49 -8.41 0.38 9.09
N VAL A 50 -7.09 0.45 8.94
CA VAL A 50 -6.50 1.02 7.75
C VAL A 50 -5.60 -0.01 7.11
N VAL A 51 -5.53 0.04 5.80
CA VAL A 51 -4.58 -0.74 5.03
C VAL A 51 -3.98 0.16 3.96
N GLY A 52 -2.65 0.22 3.93
CA GLY A 52 -1.93 1.07 2.97
C GLY A 52 -0.71 0.35 2.48
N GLY A 53 -0.25 0.72 1.29
CA GLY A 53 0.99 0.16 0.75
C GLY A 53 2.24 0.76 1.39
N SER A 54 2.09 1.95 1.98
CA SER A 54 3.24 2.62 2.64
C SER A 54 3.64 1.85 3.90
N ASP A 55 4.85 2.13 4.41
CA ASP A 55 5.33 1.49 5.64
C ASP A 55 4.64 2.06 6.87
N TYR A 56 4.80 1.37 7.98
CA TYR A 56 4.13 1.77 9.21
C TYR A 56 4.43 3.20 9.60
N CYS A 57 5.71 3.58 9.55
CA CYS A 57 6.15 4.91 9.95
C CYS A 57 5.40 6.01 9.19
N LYS A 58 5.27 5.82 7.88
CA LYS A 58 4.56 6.75 7.01
C LYS A 58 3.09 6.86 7.39
N ILE A 59 2.44 5.71 7.51
CA ILE A 59 1.03 5.67 7.84
C ILE A 59 0.79 6.27 9.22
N ALA A 60 1.67 5.95 10.16
CA ALA A 60 1.60 6.51 11.51
C ALA A 60 1.68 8.02 11.50
N GLU A 61 2.56 8.54 10.65
CA GLU A 61 2.80 9.98 10.51
C GLU A 61 1.55 10.68 9.96
N GLN A 62 0.88 10.03 9.00
CA GLN A 62 -0.33 10.58 8.40
C GLN A 62 -1.54 10.58 9.34
N LEU A 63 -1.62 9.58 10.23
CA LEU A 63 -2.85 9.35 10.98
C LEU A 63 -2.83 9.78 12.45
N GLY A 64 -1.69 10.31 12.90
CA GLY A 64 -1.56 10.88 14.26
C GLY A 64 -0.15 11.29 14.61
N ASP A 65 0.06 11.65 15.87
CA ASP A 65 1.39 11.93 16.40
C ASP A 65 1.96 10.63 16.97
N GLY A 66 3.27 10.44 16.81
CA GLY A 66 3.96 9.27 17.36
C GLY A 66 3.33 7.97 16.89
N ASP A 67 3.03 7.08 17.83
CA ASP A 67 2.38 5.81 17.51
C ASP A 67 0.89 5.83 17.85
N GLU A 68 0.28 7.02 17.88
CA GLU A 68 -1.15 7.13 18.17
C GLU A 68 -2.01 6.29 17.23
N VAL A 69 -1.57 6.11 15.99
CA VAL A 69 -2.35 5.37 15.00
C VAL A 69 -2.80 4.00 15.50
N ILE A 70 -1.95 3.30 16.27
CA ILE A 70 -2.30 1.94 16.71
C ILE A 70 -3.30 1.95 17.86
N GLU A 71 -3.48 3.12 18.48
CA GLU A 71 -4.51 3.32 19.50
C GLU A 71 -5.82 3.83 18.87
N LYS A 72 -5.70 4.65 17.82
CA LYS A 72 -6.88 5.25 17.17
C LYS A 72 -7.64 4.29 16.27
N PHE A 73 -6.95 3.26 15.78
CA PHE A 73 -7.54 2.25 14.89
C PHE A 73 -7.39 0.87 15.51
N ASP A 74 -8.39 0.02 15.30
CA ASP A 74 -8.36 -1.35 15.79
C ASP A 74 -7.35 -2.19 15.01
N TYR A 75 -7.20 -1.89 13.71
CA TYR A 75 -6.21 -2.55 12.87
C TYR A 75 -5.41 -1.53 12.10
N VAL A 76 -4.09 -1.74 12.07
CA VAL A 76 -3.22 -0.97 11.18
C VAL A 76 -2.45 -1.96 10.33
N PHE A 77 -2.79 -2.03 9.06
CA PHE A 77 -2.12 -2.92 8.14
C PHE A 77 -1.21 -2.06 7.26
N ALA A 78 0.09 -2.19 7.46
CA ALA A 78 1.07 -1.49 6.62
C ALA A 78 1.63 -2.45 5.59
N GLU A 79 2.19 -1.90 4.53
CA GLU A 79 2.72 -2.69 3.42
C GLU A 79 1.72 -3.76 2.98
N ASN A 80 0.50 -3.28 2.72
CA ASN A 80 -0.64 -4.10 2.25
C ASN A 80 -1.09 -5.20 3.21
N GLY A 81 -0.65 -5.11 4.46
CA GLY A 81 -0.99 -6.10 5.47
C GLY A 81 0.10 -7.11 5.80
N THR A 82 1.27 -7.00 5.17
CA THR A 82 2.40 -7.83 5.57
C THR A 82 2.93 -7.40 6.92
N VAL A 83 2.58 -6.19 7.34
CA VAL A 83 2.85 -5.71 8.68
C VAL A 83 1.52 -5.38 9.33
N GLN A 84 1.25 -6.00 10.48
CA GLN A 84 -0.06 -5.84 11.12
C GLN A 84 0.06 -5.46 12.58
N TYR A 85 -0.65 -4.39 12.95
CA TYR A 85 -0.97 -4.09 14.33
C TYR A 85 -2.45 -4.38 14.56
N LYS A 86 -2.74 -5.23 15.55
CA LYS A 86 -4.09 -5.60 15.93
C LYS A 86 -4.31 -5.19 17.39
N HIS A 87 -5.23 -4.23 17.58
CA HIS A 87 -5.50 -3.64 18.90
C HIS A 87 -4.24 -3.25 19.67
N GLY A 88 -3.35 -2.55 18.97
CA GLY A 88 -2.14 -1.99 19.57
C GLY A 88 -0.95 -2.94 19.58
N ARG A 89 -1.12 -4.15 19.07
CA ARG A 89 -0.11 -5.20 19.17
C ARG A 89 0.45 -5.58 17.81
N LEU A 90 1.78 -5.54 17.68
CA LEU A 90 2.43 -5.95 16.43
C LEU A 90 2.47 -7.47 16.30
N LEU A 91 1.88 -7.97 15.22
CA LEU A 91 1.95 -9.40 14.90
C LEU A 91 3.24 -9.72 14.15
N SER A 92 3.60 -11.00 14.15
CA SER A 92 4.81 -11.46 13.48
C SER A 92 4.70 -11.32 11.97
N LYS A 93 5.83 -11.18 11.31
CA LYS A 93 5.89 -10.96 9.87
C LYS A 93 6.24 -12.25 9.12
N GLN A 94 5.55 -12.48 8.00
CA GLN A 94 5.99 -13.46 7.00
C GLN A 94 6.91 -12.72 6.05
N THR A 95 8.09 -13.26 5.80
CA THR A 95 9.08 -12.57 4.98
C THR A 95 8.95 -12.96 3.51
N ILE A 96 9.34 -12.05 2.63
CA ILE A 96 9.29 -12.30 1.19
C ILE A 96 10.20 -13.47 0.80
N GLN A 97 11.36 -13.61 1.44
CA GLN A 97 12.27 -14.73 1.12
C GLN A 97 11.67 -16.07 1.50
N ASN A 98 10.89 -16.10 2.59
CA ASN A 98 10.19 -17.31 2.99
C ASN A 98 9.13 -17.68 1.97
N HIS A 99 8.44 -16.68 1.43
CA HIS A 99 7.38 -16.92 0.48
C HIS A 99 7.91 -17.28 -0.91
N LEU A 100 8.86 -16.49 -1.41
CA LEU A 100 9.39 -16.70 -2.75
C LEU A 100 10.44 -17.81 -2.83
N GLY A 101 11.20 -17.99 -1.76
CA GLY A 101 12.37 -18.88 -1.74
C GLY A 101 13.59 -18.06 -2.13
N GLU A 102 14.77 -18.48 -1.67
CA GLU A 102 16.00 -17.71 -1.93
C GLU A 102 16.42 -17.69 -3.39
N GLU A 103 16.12 -18.76 -4.12
CA GLU A 103 16.57 -18.85 -5.52
C GLU A 103 15.84 -17.86 -6.43
N LEU A 104 14.51 -17.85 -6.37
CA LEU A 104 13.72 -16.90 -7.16
C LEU A 104 14.06 -15.47 -6.77
N LEU A 105 14.15 -15.24 -5.47
CA LEU A 105 14.45 -13.90 -4.97
C LEU A 105 15.78 -13.40 -5.51
N GLN A 106 16.80 -14.25 -5.50
CA GLN A 106 18.12 -13.83 -5.97
C GLN A 106 18.16 -13.72 -7.50
N ASP A 107 17.41 -14.58 -8.19
CA ASP A 107 17.24 -14.45 -9.64
C ASP A 107 16.69 -13.07 -9.97
N LEU A 108 15.66 -12.67 -9.23
CA LEU A 108 15.06 -11.34 -9.38
C LEU A 108 16.07 -10.24 -9.09
N ILE A 109 16.70 -10.31 -7.93
CA ILE A 109 17.70 -9.32 -7.56
C ILE A 109 18.80 -9.21 -8.61
N ASN A 110 19.36 -10.34 -9.05
CA ASN A 110 20.48 -10.25 -9.99
C ASN A 110 20.06 -9.72 -11.37
N PHE A 111 18.85 -10.07 -11.80
CA PHE A 111 18.31 -9.52 -13.05
C PHE A 111 18.23 -8.00 -12.96
N CYS A 112 17.74 -7.49 -11.84
CA CYS A 112 17.61 -6.05 -11.62
C CYS A 112 18.97 -5.35 -11.55
N LEU A 113 19.92 -5.94 -10.83
CA LEU A 113 21.29 -5.39 -10.77
C LEU A 113 21.89 -5.33 -12.18
N SER A 114 21.73 -6.42 -12.93
CA SER A 114 22.28 -6.51 -14.27
C SER A 114 21.67 -5.48 -15.21
N TYR A 115 20.35 -5.33 -15.14
CA TYR A 115 19.62 -4.38 -15.98
C TYR A 115 20.05 -2.95 -15.68
N MSE A 116 20.07 -2.62 -14.39
CA MSE A 116 20.41 -1.26 -13.97
C MSE A 116 21.86 -0.89 -14.24
O MSE A 116 22.16 0.27 -14.47
CB MSE A 116 20.09 -1.09 -12.49
CG MSE A 116 18.62 -0.99 -12.23
SE MSE A 116 18.21 -0.46 -10.40
CE MSE A 116 18.57 -2.12 -9.50
N ALA A 117 22.77 -1.88 -14.24
CA ALA A 117 24.19 -1.63 -14.54
C ALA A 117 24.35 -1.02 -15.94
N LEU A 118 23.41 -1.32 -16.82
CA LEU A 118 23.46 -0.89 -18.22
C LEU A 118 22.67 0.40 -18.47
N LEU A 119 21.92 0.86 -17.48
CA LEU A 119 21.20 2.13 -17.57
C LEU A 119 22.10 3.30 -17.23
N ARG A 120 22.13 4.31 -18.11
CA ARG A 120 22.90 5.50 -17.88
C ARG A 120 21.92 6.67 -17.67
N LEU A 121 22.01 7.27 -16.49
CA LEU A 121 21.13 8.34 -16.07
C LEU A 121 21.93 9.61 -15.79
N PRO A 122 21.26 10.75 -15.61
CA PRO A 122 22.00 11.96 -15.24
C PRO A 122 22.72 11.82 -13.91
N LYS A 123 22.09 11.13 -12.97
CA LYS A 123 22.64 10.98 -11.63
C LYS A 123 22.26 9.59 -11.11
N LYS A 124 23.17 8.96 -10.37
CA LYS A 124 22.81 7.80 -9.57
C LYS A 124 23.35 7.97 -8.17
N ARG A 125 22.68 7.34 -7.22
CA ARG A 125 23.00 7.50 -5.80
C ARG A 125 23.18 6.17 -5.10
N GLY A 126 22.21 5.77 -4.27
CA GLY A 126 22.32 4.53 -3.54
C GLY A 126 20.93 3.99 -3.27
N THR A 127 20.87 2.79 -2.74
CA THR A 127 19.62 2.10 -2.45
C THR A 127 18.76 1.94 -3.72
N PHE A 128 19.32 1.21 -4.66
CA PHE A 128 18.66 0.88 -5.92
C PHE A 128 17.65 -0.23 -5.69
N ILE A 129 17.93 -1.05 -4.68
CA ILE A 129 17.03 -2.14 -4.33
C ILE A 129 16.78 -2.05 -2.82
N GLU A 130 15.54 -1.71 -2.44
CA GLU A 130 15.19 -1.63 -1.02
C GLU A 130 14.37 -2.85 -0.64
N PHE A 131 14.89 -3.66 0.27
CA PHE A 131 14.26 -4.90 0.71
C PHE A 131 13.30 -4.54 1.84
N ARG A 132 12.01 -4.50 1.53
CA ARG A 132 10.99 -4.14 2.52
C ARG A 132 10.31 -5.40 3.03
N ASN A 133 9.27 -5.23 3.84
CA ASN A 133 8.53 -6.37 4.34
C ASN A 133 7.65 -6.98 3.25
N GLY A 134 6.95 -6.15 2.50
CA GLY A 134 5.95 -6.61 1.55
C GLY A 134 6.32 -6.55 0.08
N MSE A 135 7.54 -6.09 -0.22
CA MSE A 135 7.95 -5.92 -1.62
C MSE A 135 9.45 -5.71 -1.66
O MSE A 135 10.07 -5.48 -0.62
CB MSE A 135 7.24 -4.69 -2.21
CG MSE A 135 7.75 -3.34 -1.65
SE MSE A 135 6.34 -1.97 -1.50
CE MSE A 135 5.62 -2.60 0.21
N LEU A 136 10.01 -5.81 -2.86
CA LEU A 136 11.29 -5.18 -3.16
C LEU A 136 11.00 -3.92 -3.94
N ASN A 137 11.55 -2.80 -3.50
CA ASN A 137 11.39 -1.55 -4.23
C ASN A 137 12.64 -1.33 -5.09
N ILE A 138 12.45 -1.05 -6.38
CA ILE A 138 13.53 -0.91 -7.32
C ILE A 138 13.53 0.52 -7.84
N SER A 139 14.65 1.22 -7.63
CA SER A 139 14.81 2.62 -8.01
C SER A 139 16.05 2.80 -8.89
N PRO A 140 15.86 3.06 -10.18
CA PRO A 140 17.01 3.31 -11.06
C PRO A 140 17.97 4.43 -10.64
N ILE A 141 17.44 5.51 -10.09
CA ILE A 141 18.30 6.60 -9.59
C ILE A 141 18.90 6.27 -8.22
N GLY A 142 18.16 5.51 -7.41
CA GLY A 142 18.53 5.24 -6.03
C GLY A 142 17.68 6.07 -5.09
N ARG A 143 17.17 5.45 -4.04
CA ARG A 143 16.28 6.10 -3.06
C ARG A 143 16.91 7.26 -2.30
N SER A 144 18.23 7.26 -2.20
CA SER A 144 18.94 8.30 -1.44
C SER A 144 19.18 9.59 -2.22
N CYS A 145 18.40 9.83 -3.27
CA CYS A 145 18.50 11.09 -4.00
C CYS A 145 17.75 12.19 -3.28
N THR A 146 18.14 13.43 -3.57
CA THR A 146 17.49 14.62 -3.02
C THR A 146 16.16 14.88 -3.71
N LEU A 147 15.41 15.85 -3.21
CA LEU A 147 14.14 16.24 -3.80
C LEU A 147 14.30 16.68 -5.26
N GLU A 148 15.25 17.57 -5.53
CA GLU A 148 15.47 18.08 -6.89
C GLU A 148 15.89 16.95 -7.85
N GLU A 149 16.71 16.02 -7.34
CA GLU A 149 17.16 14.85 -8.10
C GLU A 149 15.99 13.91 -8.41
N ARG A 150 15.11 13.79 -7.43
CA ARG A 150 13.88 13.03 -7.57
C ARG A 150 12.98 13.59 -8.69
N ILE A 151 12.79 14.89 -8.68
CA ILE A 151 12.00 15.57 -9.70
C ILE A 151 12.69 15.44 -11.07
N GLU A 152 14.01 15.59 -11.09
CA GLU A 152 14.76 15.41 -12.33
C GLU A 152 14.57 14.02 -12.93
N PHE A 153 14.65 12.99 -12.10
CA PHE A 153 14.46 11.64 -12.59
C PHE A 153 13.04 11.43 -13.10
N SER A 154 12.07 11.89 -12.33
CA SER A 154 10.67 11.72 -12.70
C SER A 154 10.39 12.28 -14.10
N GLU A 155 10.96 13.44 -14.38
CA GLU A 155 10.75 14.09 -15.66
C GLU A 155 11.41 13.29 -16.77
N LEU A 156 12.63 12.82 -16.54
CA LEU A 156 13.32 11.97 -17.50
C LEU A 156 12.54 10.67 -17.73
N ASP A 157 12.06 10.08 -16.64
CA ASP A 157 11.37 8.79 -16.72
C ASP A 157 10.15 8.89 -17.63
N LYS A 158 9.43 10.00 -17.54
CA LYS A 158 8.26 10.21 -18.38
C LYS A 158 8.66 10.24 -19.86
N LYS A 159 9.79 10.87 -20.15
CA LYS A 159 10.29 10.95 -21.52
C LYS A 159 10.83 9.62 -22.05
N GLU A 160 11.60 8.90 -21.24
CA GLU A 160 12.28 7.68 -21.69
C GLU A 160 11.58 6.37 -21.31
N LYS A 161 10.51 6.46 -20.52
CA LYS A 161 9.81 5.27 -20.01
C LYS A 161 10.78 4.26 -19.42
N ILE A 162 11.65 4.74 -18.54
CA ILE A 162 12.69 3.91 -17.95
C ILE A 162 12.08 2.82 -17.08
N ARG A 163 11.21 3.18 -16.14
CA ARG A 163 10.62 2.17 -15.26
C ARG A 163 9.70 1.23 -16.05
N GLU A 164 8.95 1.79 -17.00
CA GLU A 164 8.01 1.00 -17.79
C GLU A 164 8.72 -0.09 -18.59
N LYS A 165 9.83 0.27 -19.24
CA LYS A 165 10.61 -0.68 -20.01
C LYS A 165 11.26 -1.76 -19.13
N PHE A 166 11.70 -1.34 -17.94
CA PHE A 166 12.34 -2.23 -16.96
C PHE A 166 11.29 -3.26 -16.51
N VAL A 167 10.09 -2.77 -16.19
CA VAL A 167 9.01 -3.66 -15.74
C VAL A 167 8.58 -4.64 -16.84
N GLU A 168 8.49 -4.17 -18.09
CA GLU A 168 8.20 -5.08 -19.20
C GLU A 168 9.19 -6.24 -19.27
N ALA A 169 10.47 -5.94 -19.13
CA ALA A 169 11.53 -6.93 -19.23
C ALA A 169 11.46 -7.93 -18.07
N LEU A 170 11.16 -7.39 -16.89
CA LEU A 170 11.01 -8.21 -15.69
C LEU A 170 9.79 -9.14 -15.79
N LYS A 171 8.64 -8.60 -16.19
CA LYS A 171 7.44 -9.43 -16.30
C LYS A 171 7.66 -10.62 -17.24
N THR A 172 8.32 -10.35 -18.37
CA THR A 172 8.59 -11.38 -19.37
C THR A 172 9.57 -12.41 -18.83
N GLU A 173 10.64 -11.96 -18.18
CA GLU A 173 11.67 -12.85 -17.66
C GLU A 173 11.10 -13.80 -16.62
N PHE A 174 10.24 -13.27 -15.76
CA PHE A 174 9.65 -14.05 -14.66
C PHE A 174 8.22 -14.52 -14.92
N ALA A 175 7.82 -14.55 -16.18
CA ALA A 175 6.49 -15.02 -16.58
C ALA A 175 6.16 -16.35 -15.93
N GLY A 176 5.01 -16.41 -15.28
CA GLY A 176 4.54 -17.62 -14.61
C GLY A 176 5.10 -17.87 -13.22
N LYS A 177 6.01 -17.03 -12.75
CA LYS A 177 6.72 -17.32 -11.48
C LYS A 177 6.12 -16.61 -10.26
N GLY A 178 5.00 -15.93 -10.44
CA GLY A 178 4.22 -15.40 -9.32
C GLY A 178 4.61 -14.03 -8.79
N LEU A 179 5.16 -13.19 -9.67
CA LEU A 179 5.60 -11.84 -9.29
C LEU A 179 4.68 -10.80 -9.90
N ARG A 180 4.45 -9.73 -9.16
CA ARG A 180 3.63 -8.62 -9.61
C ARG A 180 4.42 -7.33 -9.49
N PHE A 181 4.05 -6.34 -10.30
CA PHE A 181 4.78 -5.08 -10.34
C PHE A 181 3.82 -3.90 -10.30
N SER A 182 4.20 -2.83 -9.62
CA SER A 182 3.43 -1.60 -9.62
C SER A 182 4.36 -0.39 -9.67
N ARG A 183 3.97 0.63 -10.44
CA ARG A 183 4.75 1.87 -10.57
C ARG A 183 4.04 2.98 -9.79
N GLY A 184 3.74 2.68 -8.53
CA GLY A 184 3.00 3.61 -7.67
C GLY A 184 3.79 4.85 -7.35
N GLY A 185 5.09 4.67 -7.18
CA GLY A 185 5.96 5.76 -6.78
C GLY A 185 6.37 6.63 -7.95
N MSE A 186 7.36 7.47 -7.70
CA MSE A 186 7.86 8.42 -8.68
CA MSE A 186 7.88 8.44 -8.66
C MSE A 186 9.24 8.01 -9.20
O MSE A 186 9.52 8.16 -10.39
CB MSE A 186 7.91 9.79 -8.05
CB MSE A 186 8.07 9.80 -7.98
CG MSE A 186 8.46 10.87 -8.93
CG MSE A 186 6.87 10.73 -8.04
SE MSE A 186 8.58 12.50 -7.93
SE MSE A 186 7.15 12.22 -6.84
CE MSE A 186 6.73 13.12 -8.06
CE MSE A 186 6.03 11.62 -5.36
N ILE A 187 10.09 7.52 -8.30
CA ILE A 187 11.47 7.18 -8.67
C ILE A 187 11.71 5.67 -8.68
N SER A 188 10.63 4.89 -8.54
CA SER A 188 10.76 3.45 -8.31
C SER A 188 9.55 2.69 -8.78
N PHE A 189 9.68 1.36 -8.78
CA PHE A 189 8.51 0.49 -8.88
C PHE A 189 8.66 -0.61 -7.84
N ASP A 190 7.53 -1.19 -7.42
CA ASP A 190 7.57 -2.26 -6.43
C ASP A 190 7.33 -3.63 -7.08
N VAL A 191 8.05 -4.62 -6.56
CA VAL A 191 7.92 -6.00 -6.98
C VAL A 191 7.43 -6.80 -5.78
N PHE A 192 6.29 -7.45 -5.95
CA PHE A 192 5.71 -8.19 -4.84
C PHE A 192 5.12 -9.51 -5.31
N PRO A 193 5.00 -10.48 -4.39
CA PRO A 193 4.40 -11.76 -4.74
C PRO A 193 2.93 -11.61 -5.09
N GLU A 194 2.47 -12.44 -6.01
CA GLU A 194 1.05 -12.46 -6.33
C GLU A 194 0.25 -12.64 -5.04
N GLY A 195 -0.83 -11.86 -4.91
CA GLY A 195 -1.68 -11.85 -3.72
C GLY A 195 -1.21 -10.94 -2.59
N TRP A 196 -0.07 -10.27 -2.76
CA TRP A 196 0.44 -9.35 -1.73
C TRP A 196 0.06 -7.91 -2.02
N ASP A 197 -0.98 -7.76 -2.84
CA ASP A 197 -1.77 -6.55 -2.92
C ASP A 197 -2.55 -6.43 -1.61
N LYS A 198 -3.46 -5.48 -1.52
CA LYS A 198 -4.18 -5.23 -0.25
C LYS A 198 -4.98 -6.44 0.25
N ARG A 199 -5.29 -7.39 -0.62
CA ARG A 199 -6.01 -8.59 -0.17
C ARG A 199 -5.27 -9.35 0.91
N TYR A 200 -3.96 -9.17 0.99
CA TYR A 200 -3.15 -9.90 1.96
C TYR A 200 -3.72 -9.82 3.37
N CYS A 201 -4.21 -8.65 3.75
CA CYS A 201 -4.71 -8.43 5.11
C CYS A 201 -5.98 -9.23 5.44
N LEU A 202 -6.70 -9.65 4.40
CA LEU A 202 -7.99 -10.34 4.57
C LEU A 202 -7.86 -11.73 5.19
N ASP A 203 -6.73 -12.39 5.00
CA ASP A 203 -6.54 -13.72 5.58
C ASP A 203 -6.50 -13.66 7.11
N SER A 204 -5.80 -12.67 7.67
CA SER A 204 -5.82 -12.49 9.12
C SER A 204 -7.21 -12.10 9.60
N LEU A 205 -7.87 -11.20 8.85
CA LEU A 205 -9.19 -10.71 9.24
C LEU A 205 -10.24 -11.81 9.23
N ASP A 206 -10.09 -12.77 8.31
CA ASP A 206 -10.94 -13.98 8.25
C ASP A 206 -11.07 -14.71 9.57
N GLN A 207 -10.04 -14.58 10.40
CA GLN A 207 -10.01 -15.31 11.66
C GLN A 207 -10.65 -14.52 12.82
N ASP A 208 -11.05 -13.28 12.57
CA ASP A 208 -11.50 -12.38 13.64
C ASP A 208 -13.04 -12.23 13.76
N SER A 209 -13.79 -13.13 13.14
CA SER A 209 -15.24 -13.27 13.35
C SER A 209 -16.10 -12.04 13.03
N PHE A 210 -15.74 -11.29 11.99
CA PHE A 210 -16.58 -10.19 11.55
C PHE A 210 -17.73 -10.73 10.73
N ASP A 211 -18.93 -10.24 11.03
CA ASP A 211 -20.10 -10.54 10.23
C ASP A 211 -19.92 -9.89 8.86
N THR A 212 -19.34 -8.70 8.87
CA THR A 212 -19.18 -7.91 7.66
C THR A 212 -17.90 -7.10 7.70
N ILE A 213 -17.19 -7.08 6.58
CA ILE A 213 -16.01 -6.21 6.40
C ILE A 213 -16.32 -5.29 5.24
N HIS A 214 -16.47 -4.00 5.54
CA HIS A 214 -16.67 -2.98 4.53
C HIS A 214 -15.32 -2.42 4.17
N PHE A 215 -14.99 -2.43 2.89
CA PHE A 215 -13.75 -1.83 2.44
C PHE A 215 -14.00 -0.54 1.66
N PHE A 216 -13.28 0.52 1.99
CA PHE A 216 -13.40 1.79 1.29
C PHE A 216 -12.08 2.12 0.61
N GLY A 217 -12.14 2.47 -0.67
CA GLY A 217 -10.95 2.84 -1.41
C GLY A 217 -11.24 3.77 -2.56
N ASN A 218 -10.21 4.47 -3.00
CA ASN A 218 -10.36 5.45 -4.09
C ASN A 218 -9.72 5.01 -5.40
N GLU A 219 -9.17 3.79 -5.42
CA GLU A 219 -8.59 3.21 -6.62
C GLU A 219 -9.16 1.83 -6.89
N THR A 220 -10.50 1.78 -7.01
CA THR A 220 -11.22 0.51 -7.07
C THR A 220 -11.48 0.02 -8.49
N SER A 221 -11.08 0.79 -9.50
CA SER A 221 -11.18 0.35 -10.89
C SER A 221 -10.02 -0.57 -11.24
N PRO A 222 -10.17 -1.38 -12.32
CA PRO A 222 -9.07 -2.22 -12.77
C PRO A 222 -7.76 -1.44 -12.93
N GLY A 223 -6.67 -2.03 -12.44
CA GLY A 223 -5.39 -1.36 -12.43
C GLY A 223 -5.12 -0.54 -11.18
N GLY A 224 -6.16 -0.29 -10.38
CA GLY A 224 -6.02 0.51 -9.16
C GLY A 224 -5.58 -0.34 -7.99
N ASN A 225 -4.87 0.26 -7.03
CA ASN A 225 -4.33 -0.54 -5.92
C ASN A 225 -5.37 -0.97 -4.88
N ASP A 226 -6.63 -0.55 -5.04
CA ASP A 226 -7.75 -1.08 -4.22
C ASP A 226 -8.61 -2.09 -4.95
N PHE A 227 -8.34 -2.35 -6.23
CA PHE A 227 -9.25 -3.19 -7.02
C PHE A 227 -9.50 -4.56 -6.41
N GLU A 228 -8.41 -5.27 -6.14
CA GLU A 228 -8.51 -6.66 -5.68
C GLU A 228 -9.21 -6.81 -4.33
N ILE A 229 -8.85 -5.98 -3.36
CA ILE A 229 -9.50 -6.02 -2.04
C ILE A 229 -10.97 -5.60 -2.12
N PHE A 230 -11.26 -4.60 -2.96
CA PHE A 230 -12.63 -4.14 -3.25
C PHE A 230 -13.49 -5.26 -3.82
N ALA A 231 -12.95 -5.93 -4.83
CA ALA A 231 -13.68 -6.97 -5.58
C ALA A 231 -13.72 -8.33 -4.87
N ASP A 232 -12.90 -8.50 -3.82
CA ASP A 232 -12.82 -9.77 -3.11
C ASP A 232 -14.17 -10.09 -2.46
N PRO A 233 -14.65 -11.33 -2.59
CA PRO A 233 -15.93 -11.73 -1.98
C PRO A 233 -16.00 -11.58 -0.46
N ARG A 234 -14.86 -11.42 0.19
CA ARG A 234 -14.82 -11.27 1.65
C ARG A 234 -15.16 -9.87 2.14
N THR A 235 -15.22 -8.90 1.22
CA THR A 235 -15.51 -7.50 1.57
C THR A 235 -16.77 -6.98 0.88
N VAL A 236 -17.46 -6.06 1.57
CA VAL A 236 -18.45 -5.23 0.92
C VAL A 236 -17.67 -4.03 0.42
N GLY A 237 -17.68 -3.80 -0.89
CA GLY A 237 -16.79 -2.82 -1.49
C GLY A 237 -17.41 -1.45 -1.68
N HIS A 238 -16.64 -0.42 -1.37
CA HIS A 238 -17.11 0.95 -1.55
C HIS A 238 -16.06 1.79 -2.27
N SER A 239 -16.46 2.42 -3.36
CA SER A 239 -15.61 3.31 -4.12
C SER A 239 -15.88 4.75 -3.68
N VAL A 240 -14.82 5.46 -3.27
CA VAL A 240 -14.92 6.85 -2.85
C VAL A 240 -13.96 7.72 -3.65
N VAL A 241 -14.20 9.04 -3.64
CA VAL A 241 -13.37 9.97 -4.40
C VAL A 241 -12.57 10.95 -3.51
N SER A 242 -12.79 10.89 -2.20
CA SER A 242 -12.18 11.83 -1.26
C SER A 242 -12.48 11.40 0.17
N PRO A 243 -11.74 11.94 1.15
CA PRO A 243 -12.09 11.67 2.53
C PRO A 243 -13.48 12.17 2.96
N GLN A 244 -13.95 13.27 2.37
CA GLN A 244 -15.28 13.80 2.66
C GLN A 244 -16.36 12.84 2.17
N ASP A 245 -16.10 12.22 1.03
CA ASP A 245 -16.98 11.22 0.43
C ASP A 245 -17.04 9.97 1.32
N THR A 246 -15.87 9.56 1.81
CA THR A 246 -15.78 8.40 2.70
C THR A 246 -16.62 8.62 3.94
N VAL A 247 -16.48 9.82 4.53
CA VAL A 247 -17.27 10.17 5.71
C VAL A 247 -18.78 10.15 5.43
N GLN A 248 -19.18 10.71 4.30
CA GLN A 248 -20.60 10.75 3.92
C GLN A 248 -21.15 9.33 3.79
N ARG A 249 -20.40 8.49 3.10
CA ARG A 249 -20.77 7.10 2.88
C ARG A 249 -20.94 6.36 4.20
N CYS A 250 -20.01 6.59 5.13
CA CYS A 250 -20.06 5.95 6.45
C CYS A 250 -21.23 6.41 7.28
N ARG A 251 -21.55 7.70 7.23
N ARG A 251 -21.54 7.71 7.23
CA ARG A 251 -22.72 8.24 7.92
CA ARG A 251 -22.72 8.25 7.90
C ARG A 251 -24.00 7.61 7.38
C ARG A 251 -23.98 7.58 7.38
N GLU A 252 -24.06 7.44 6.05
CA GLU A 252 -25.23 6.87 5.38
C GLU A 252 -25.50 5.43 5.75
N ILE A 253 -24.43 4.65 5.88
CA ILE A 253 -24.54 3.22 6.13
C ILE A 253 -24.73 2.91 7.62
N PHE A 254 -23.93 3.57 8.46
CA PHE A 254 -23.84 3.21 9.89
C PHE A 254 -24.56 4.16 10.84
N PHE A 255 -24.89 5.35 10.37
CA PHE A 255 -25.74 6.28 11.12
C PHE A 255 -26.92 6.70 10.26
N PRO A 256 -27.71 5.72 9.77
CA PRO A 256 -28.80 6.07 8.87
C PRO A 256 -29.81 6.99 9.53
N GLU A 257 -30.09 6.74 10.81
CA GLU A 257 -31.08 7.51 11.56
C GLU A 257 -30.61 8.95 11.77
N THR A 258 -29.30 9.16 11.82
CA THR A 258 -28.72 10.49 12.04
C THR A 258 -28.33 11.16 10.73
O6 M1P B . 8.97 3.99 0.73
C6 M1P B . 8.51 5.26 0.26
C5 M1P B . 7.73 5.12 -1.05
O5 M1P B . 8.55 4.52 -2.05
C1 M1P B . 7.92 4.40 -3.35
O1 M1P B . 7.65 5.72 -3.83
P M1P B . 8.80 6.66 -4.43
O1P M1P B . 9.59 7.12 -3.22
O2P M1P B . 9.56 5.85 -5.43
O3P M1P B . 8.00 7.77 -5.06
C2 M1P B . 6.62 3.62 -3.28
O2 M1P B . 6.86 2.24 -2.92
C3 M1P B . 5.71 4.22 -2.23
O3 M1P B . 4.50 3.44 -2.14
C4 M1P B . 6.44 4.30 -0.89
O4 M1P B . 5.62 4.93 0.10
MG MG C . -5.83 5.42 -2.24
MG MG D . -15.68 -7.16 -2.06
#